data_3QZV
#
_entry.id   3QZV
#
_cell.length_a   65.525
_cell.length_b   38.513
_cell.length_c   87.752
_cell.angle_alpha   90.00
_cell.angle_beta   111.20
_cell.angle_gamma   90.00
#
_symmetry.space_group_name_H-M   'C 1 2 1'
#
loop_
_entity.id
_entity.type
_entity.pdbx_description
1 polymer 'Nucleosome-remodeling factor subunit BPTF'
2 polymer 'Histone H4'
3 non-polymer 'ZINC ION'
4 water water
#
loop_
_entity_poly.entity_id
_entity_poly.type
_entity_poly.pdbx_seq_one_letter_code
_entity_poly.pdbx_strand_id
1 'polypeptide(L)'
;GPLGSDTKLYCICKTPYDESKFYIGCDRCQNWYHGRCVGILQSEAELIDEYVCPQCQSTEDAMTVLTPLTEKDYEGLKRV
LRSLQAHKMAWPFLEPVDPNDAPDYYGVIKEPMDLATMEERVQRRYYEKLTEFVADMTKIFDNCRYYNPSDSPFYQCAEV
LESFFVQKLKGFKA
;
A
2 'polypeptide(L)' GKGLG(ALY)GGAKR C
#
# COMPACT_ATOMS: atom_id res chain seq x y z
N LYS A 8 15.73 -4.21 32.15
CA LYS A 8 15.38 -4.59 33.55
C LYS A 8 14.05 -5.35 33.57
N LEU A 9 13.07 -4.81 32.84
CA LEU A 9 11.82 -5.52 32.55
C LEU A 9 11.82 -5.92 31.07
N TYR A 10 11.39 -7.16 30.81
CA TYR A 10 11.47 -7.76 29.47
C TYR A 10 10.10 -8.19 28.99
N CYS A 11 10.00 -8.48 27.69
CA CYS A 11 8.83 -9.12 27.10
C CYS A 11 7.58 -8.23 27.15
N ILE A 12 6.56 -8.59 26.38
CA ILE A 12 5.30 -7.85 26.37
C ILE A 12 4.66 -7.78 27.76
N CYS A 13 5.10 -8.67 28.66
CA CYS A 13 4.57 -8.78 30.02
C CYS A 13 5.27 -7.91 31.06
N LYS A 14 6.35 -7.24 30.65
CA LYS A 14 7.12 -6.35 31.55
C LYS A 14 7.44 -7.02 32.90
N THR A 15 8.20 -8.10 32.84
CA THR A 15 8.62 -8.84 34.03
C THR A 15 10.15 -8.97 34.08
N PRO A 16 10.72 -9.16 35.30
CA PRO A 16 12.17 -9.37 35.48
C PRO A 16 12.68 -10.59 34.71
N TYR A 17 13.94 -10.55 34.30
CA TYR A 17 14.56 -11.70 33.65
C TYR A 17 14.56 -12.92 34.55
N ASP A 18 14.05 -14.03 34.02
CA ASP A 18 14.06 -15.31 34.74
C ASP A 18 14.78 -16.35 33.89
N GLU A 19 15.95 -16.78 34.35
CA GLU A 19 16.79 -17.66 33.54
C GLU A 19 16.25 -19.10 33.47
N SER A 20 15.21 -19.41 34.25
CA SER A 20 14.56 -20.72 34.21
C SER A 20 13.55 -20.84 33.06
N LYS A 21 13.24 -19.70 32.45
CA LYS A 21 12.25 -19.63 31.39
C LYS A 21 12.88 -19.54 30.00
N PHE A 22 12.15 -20.04 29.00
CA PHE A 22 12.58 -20.00 27.62
C PHE A 22 12.23 -18.64 27.01
N TYR A 23 13.26 -17.97 26.50
CA TYR A 23 13.10 -16.71 25.79
C TYR A 23 13.43 -16.89 24.31
N ILE A 24 12.74 -16.15 23.47
CA ILE A 24 13.10 -16.02 22.07
C ILE A 24 13.53 -14.57 21.83
N GLY A 25 14.61 -14.37 21.08
CA GLY A 25 15.12 -13.03 20.79
C GLY A 25 14.69 -12.51 19.44
N CYS A 26 14.25 -11.25 19.40
CA CYS A 26 13.87 -10.61 18.14
C CYS A 26 15.11 -10.14 17.42
N ASP A 27 15.26 -10.58 16.19
CA ASP A 27 16.45 -10.30 15.42
C ASP A 27 16.55 -8.83 15.00
N ARG A 28 15.43 -8.11 15.07
CA ARG A 28 15.39 -6.67 14.75
C ARG A 28 15.83 -5.77 15.91
N CYS A 29 15.12 -5.84 17.04
CA CYS A 29 15.45 -5.00 18.21
C CYS A 29 16.38 -5.69 19.22
N GLN A 30 16.60 -6.98 19.03
CA GLN A 30 17.41 -7.79 19.95
C GLN A 30 16.87 -7.88 21.39
N ASN A 31 15.59 -7.55 21.60
CA ASN A 31 14.98 -7.76 22.92
C ASN A 31 14.50 -9.20 23.02
N TRP A 32 14.40 -9.72 24.24
CA TRP A 32 13.99 -11.10 24.45
C TRP A 32 12.55 -11.19 24.92
N TYR A 33 11.86 -12.23 24.49
CA TYR A 33 10.45 -12.41 24.80
C TYR A 33 10.19 -13.81 25.27
N HIS A 34 9.37 -13.92 26.32
CA HIS A 34 8.93 -15.25 26.75
C HIS A 34 8.30 -15.91 25.54
N GLY A 35 8.77 -17.11 25.21
CA GLY A 35 8.14 -17.90 24.18
C GLY A 35 6.65 -18.03 24.41
N ARG A 36 6.26 -18.14 25.68
CA ARG A 36 4.87 -18.36 26.09
C ARG A 36 3.98 -17.18 25.74
N CYS A 37 4.51 -15.97 25.89
CA CYS A 37 3.73 -14.77 25.69
C CYS A 37 3.56 -14.44 24.22
N VAL A 38 4.36 -15.06 23.37
CA VAL A 38 4.29 -14.82 21.94
C VAL A 38 3.75 -16.04 21.19
N GLY A 39 3.26 -17.01 21.94
CA GLY A 39 2.68 -18.23 21.39
C GLY A 39 3.67 -19.14 20.67
N ILE A 40 4.89 -19.23 21.22
CA ILE A 40 5.96 -20.01 20.57
C ILE A 40 6.70 -20.95 21.54
N LEU A 41 6.63 -22.25 21.25
CA LEU A 41 7.36 -23.27 22.00
C LEU A 41 8.81 -23.35 21.51
N GLN A 42 9.69 -23.95 22.30
CA GLN A 42 11.11 -24.06 21.93
C GLN A 42 11.29 -24.83 20.63
N SER A 43 10.61 -25.97 20.53
CA SER A 43 10.60 -26.78 19.32
C SER A 43 10.05 -26.01 18.10
N GLU A 44 9.19 -25.03 18.35
CA GLU A 44 8.64 -24.19 17.28
C GLU A 44 9.65 -23.13 16.81
N ALA A 45 10.48 -22.66 17.73
CA ALA A 45 11.47 -21.60 17.44
C ALA A 45 12.63 -22.09 16.59
N GLU A 46 12.88 -23.40 16.58
CA GLU A 46 13.95 -23.98 15.77
C GLU A 46 13.52 -24.27 14.32
N LEU A 47 12.50 -23.54 13.85
CA LEU A 47 11.93 -23.72 12.51
C LEU A 47 11.82 -22.39 11.78
N ILE A 48 11.77 -21.31 12.55
CA ILE A 48 11.91 -19.97 12.00
C ILE A 48 13.36 -19.54 12.20
N ASP A 49 13.89 -18.83 11.21
CA ASP A 49 15.29 -18.43 11.22
C ASP A 49 15.48 -17.10 11.95
N GLU A 50 14.55 -16.18 11.72
CA GLU A 50 14.60 -14.87 12.35
C GLU A 50 13.26 -14.50 12.99
N TYR A 51 13.21 -14.54 14.32
CA TYR A 51 12.04 -14.05 15.02
C TYR A 51 11.94 -12.52 14.92
N VAL A 52 10.74 -12.04 14.62
CA VAL A 52 10.45 -10.61 14.58
C VAL A 52 9.25 -10.32 15.50
N CYS A 53 9.48 -9.53 16.56
CA CYS A 53 8.48 -9.33 17.61
C CYS A 53 7.29 -8.43 17.20
N PRO A 54 6.16 -8.52 17.93
CA PRO A 54 4.94 -7.75 17.60
C PRO A 54 5.19 -6.27 17.24
N GLN A 55 5.91 -5.57 18.10
CA GLN A 55 6.20 -4.15 17.92
C GLN A 55 7.02 -3.87 16.67
N CYS A 56 8.03 -4.70 16.43
CA CYS A 56 8.92 -4.53 15.29
C CYS A 56 8.22 -4.90 14.01
N GLN A 57 7.39 -5.93 14.08
CA GLN A 57 6.69 -6.40 12.90
C GLN A 57 5.75 -5.32 12.37
N SER A 58 5.00 -4.68 13.26
CA SER A 58 4.09 -3.62 12.83
C SER A 58 4.85 -2.42 12.30
N THR A 59 6.04 -2.15 12.86
CA THR A 59 6.95 -1.12 12.31
C THR A 59 7.39 -1.46 10.89
N GLU A 60 7.85 -2.69 10.66
CA GLU A 60 8.16 -3.15 9.31
C GLU A 60 6.99 -3.02 8.35
N ASP A 61 5.80 -3.35 8.84
CA ASP A 61 4.59 -3.26 8.02
C ASP A 61 4.35 -1.82 7.62
N ALA A 62 4.43 -0.92 8.61
CA ALA A 62 4.19 0.51 8.42
C ALA A 62 5.20 1.16 7.47
N MET A 63 6.44 0.68 7.50
CA MET A 63 7.51 1.36 6.74
C MET A 63 7.68 0.91 5.29
N THR A 64 6.96 -0.14 4.90
CA THR A 64 6.97 -0.62 3.51
C THR A 64 6.68 0.50 2.48
N VAL A 65 5.77 1.40 2.80
CA VAL A 65 5.40 2.50 1.88
C VAL A 65 6.39 3.68 1.88
N LEU A 66 7.37 3.64 2.79
CA LEU A 66 8.30 4.77 2.96
C LEU A 66 9.73 4.47 2.53
N THR A 67 10.08 3.19 2.41
CA THR A 67 11.45 2.78 2.07
C THR A 67 11.69 3.06 0.58
N PRO A 68 12.96 3.22 0.15
CA PRO A 68 13.17 3.56 -1.26
C PRO A 68 12.66 2.47 -2.21
N LEU A 69 12.17 2.87 -3.38
CA LEU A 69 11.77 1.90 -4.39
C LEU A 69 13.01 1.30 -5.06
N THR A 70 13.17 -0.01 -4.90
CA THR A 70 14.25 -0.74 -5.55
C THR A 70 13.94 -0.99 -7.03
N GLU A 71 14.95 -1.41 -7.80
CA GLU A 71 14.78 -1.85 -9.17
C GLU A 71 13.68 -2.92 -9.29
N LYS A 72 13.71 -3.91 -8.40
CA LYS A 72 12.65 -4.92 -8.33
C LYS A 72 11.27 -4.31 -8.02
N ASP A 73 11.21 -3.37 -7.08
CA ASP A 73 9.95 -2.66 -6.80
C ASP A 73 9.39 -2.00 -8.06
N TYR A 74 10.27 -1.40 -8.86
CA TYR A 74 9.85 -0.79 -10.11
C TYR A 74 9.28 -1.78 -11.13
N GLU A 75 9.86 -2.99 -11.18
CA GLU A 75 9.25 -4.09 -11.92
C GLU A 75 7.83 -4.35 -11.42
N GLY A 76 7.66 -4.35 -10.09
CA GLY A 76 6.36 -4.48 -9.45
C GLY A 76 5.33 -3.42 -9.82
N LEU A 77 5.72 -2.15 -9.75
CA LEU A 77 4.83 -1.04 -10.11
C LEU A 77 4.34 -1.14 -11.55
N LYS A 78 5.21 -1.59 -12.43
CA LYS A 78 4.89 -1.81 -13.83
C LYS A 78 3.82 -2.89 -13.95
N ARG A 79 3.93 -3.95 -13.16
CA ARG A 79 2.96 -5.04 -13.19
C ARG A 79 1.63 -4.60 -12.64
N VAL A 80 1.68 -3.91 -11.49
CA VAL A 80 0.48 -3.40 -10.83
C VAL A 80 -0.31 -2.47 -11.77
N LEU A 81 0.41 -1.58 -12.46
CA LEU A 81 -0.17 -0.64 -13.39
C LEU A 81 -0.81 -1.37 -14.57
N ARG A 82 -0.12 -2.38 -15.08
CA ARG A 82 -0.63 -3.18 -16.16
C ARG A 82 -1.93 -3.92 -15.77
N SER A 83 -2.00 -4.47 -14.55
CA SER A 83 -3.23 -5.17 -14.12
C SER A 83 -4.40 -4.20 -13.95
N LEU A 84 -4.10 -2.99 -13.49
CA LEU A 84 -5.11 -1.95 -13.41
C LEU A 84 -5.62 -1.52 -14.79
N GLN A 85 -4.71 -1.24 -15.72
CA GLN A 85 -5.08 -0.85 -17.08
C GLN A 85 -5.96 -1.90 -17.80
N ALA A 86 -5.80 -3.15 -17.38
CA ALA A 86 -6.52 -4.28 -17.94
C ALA A 86 -7.88 -4.54 -17.27
N HIS A 87 -8.13 -3.88 -16.14
CA HIS A 87 -9.33 -4.14 -15.35
C HIS A 87 -10.56 -3.59 -16.09
N LYS A 88 -11.64 -4.36 -16.06
CA LYS A 88 -12.88 -3.98 -16.75
C LYS A 88 -13.43 -2.62 -16.31
N MET A 89 -13.15 -2.23 -15.07
CA MET A 89 -13.65 -0.95 -14.54
C MET A 89 -12.65 0.20 -14.71
N ALA A 90 -11.52 -0.06 -15.36
CA ALA A 90 -10.51 0.99 -15.52
C ALA A 90 -10.69 1.88 -16.73
N TRP A 91 -11.69 1.59 -17.58
CA TRP A 91 -11.91 2.38 -18.81
C TRP A 91 -11.96 3.94 -18.60
N PRO A 92 -12.53 4.43 -17.49
CA PRO A 92 -12.58 5.89 -17.34
C PRO A 92 -11.22 6.53 -17.02
N PHE A 93 -10.27 5.70 -16.59
CA PHE A 93 -9.05 6.17 -15.93
C PHE A 93 -7.81 5.97 -16.80
N LEU A 94 -7.98 5.39 -17.99
CA LEU A 94 -6.83 5.05 -18.87
C LEU A 94 -6.05 6.27 -19.39
N GLU A 95 -6.76 7.34 -19.70
CA GLU A 95 -6.14 8.54 -20.25
C GLU A 95 -6.67 9.77 -19.52
N PRO A 96 -5.98 10.90 -19.62
CA PRO A 96 -6.54 12.15 -19.11
C PRO A 96 -7.97 12.39 -19.59
N VAL A 97 -8.80 12.93 -18.71
CA VAL A 97 -10.12 13.38 -19.12
C VAL A 97 -10.01 14.36 -20.30
N ASP A 98 -10.82 14.12 -21.34
CA ASP A 98 -10.95 15.00 -22.51
C ASP A 98 -11.90 16.19 -22.17
N PRO A 99 -11.40 17.44 -22.27
CA PRO A 99 -12.23 18.61 -21.97
C PRO A 99 -13.55 18.60 -22.76
N ASN A 100 -13.50 18.07 -23.99
CA ASN A 100 -14.69 17.99 -24.85
C ASN A 100 -15.81 17.14 -24.26
N ASP A 101 -15.43 16.12 -23.50
CA ASP A 101 -16.37 15.22 -22.84
C ASP A 101 -16.92 15.81 -21.55
N ALA A 102 -16.14 16.67 -20.91
CA ALA A 102 -16.53 17.24 -19.63
C ALA A 102 -15.92 18.65 -19.52
N PRO A 103 -16.56 19.63 -20.18
CA PRO A 103 -16.02 20.98 -20.36
C PRO A 103 -15.61 21.70 -19.09
N ASP A 104 -16.25 21.36 -17.97
CA ASP A 104 -15.95 22.00 -16.70
C ASP A 104 -14.87 21.22 -15.89
N TYR A 105 -14.56 19.98 -16.30
CA TYR A 105 -13.65 19.11 -15.53
C TYR A 105 -12.39 19.77 -14.96
N TYR A 106 -11.61 20.41 -15.82
CA TYR A 106 -10.35 21.01 -15.39
C TYR A 106 -10.49 22.29 -14.57
N GLY A 107 -11.72 22.78 -14.44
CA GLY A 107 -12.04 23.87 -13.52
C GLY A 107 -12.42 23.34 -12.15
N VAL A 108 -12.96 22.12 -12.10
CA VAL A 108 -13.46 21.51 -10.87
C VAL A 108 -12.32 20.73 -10.19
N ILE A 109 -11.58 20.00 -11.01
CA ILE A 109 -10.53 19.12 -10.53
C ILE A 109 -9.18 19.82 -10.60
N LYS A 110 -8.64 20.16 -9.43
CA LYS A 110 -7.38 20.91 -9.34
C LYS A 110 -6.12 20.10 -9.66
N GLU A 111 -6.11 18.82 -9.31
CA GLU A 111 -4.94 17.95 -9.54
C GLU A 111 -5.37 16.68 -10.29
N PRO A 112 -5.55 16.80 -11.62
CA PRO A 112 -6.02 15.65 -12.37
C PRO A 112 -4.95 14.56 -12.35
N MET A 113 -5.39 13.30 -12.44
CA MET A 113 -4.46 12.17 -12.56
C MET A 113 -5.13 11.08 -13.35
N ASP A 114 -4.32 10.26 -14.03
CA ASP A 114 -4.82 9.15 -14.82
C ASP A 114 -3.74 8.10 -14.98
N LEU A 115 -4.12 6.93 -15.46
CA LEU A 115 -3.19 5.80 -15.53
C LEU A 115 -2.03 5.99 -16.54
N ALA A 116 -2.29 6.70 -17.63
CA ALA A 116 -1.24 6.95 -18.65
C ALA A 116 -0.17 7.88 -18.09
N THR A 117 -0.61 8.93 -17.39
CA THR A 117 0.30 9.84 -16.71
C THR A 117 1.14 9.08 -15.68
N MET A 118 0.49 8.20 -14.92
CA MET A 118 1.23 7.35 -13.95
C MET A 118 2.20 6.39 -14.60
N GLU A 119 1.87 5.89 -15.79
CA GLU A 119 2.79 5.04 -16.55
C GLU A 119 4.02 5.82 -17.02
N GLU A 120 3.82 7.04 -17.51
CA GLU A 120 4.91 7.95 -17.85
C GLU A 120 5.82 8.23 -16.64
N ARG A 121 5.21 8.47 -15.47
CA ARG A 121 5.96 8.69 -14.24
C ARG A 121 6.79 7.49 -13.77
N VAL A 122 6.23 6.28 -13.90
CA VAL A 122 6.97 5.05 -13.62
C VAL A 122 8.14 4.92 -14.61
N GLN A 123 7.86 5.14 -15.90
CA GLN A 123 8.87 5.13 -16.97
C GLN A 123 10.07 6.00 -16.61
N ARG A 124 9.82 7.23 -16.18
CA ARG A 124 10.92 8.14 -15.84
C ARG A 124 11.37 8.06 -14.39
N ARG A 125 10.97 6.98 -13.71
CA ARG A 125 11.35 6.71 -12.31
C ARG A 125 11.11 7.92 -11.41
N TYR A 126 9.94 8.52 -11.58
CA TYR A 126 9.52 9.71 -10.83
C TYR A 126 9.29 9.39 -9.34
N TYR A 127 8.82 8.17 -9.07
CA TYR A 127 8.49 7.73 -7.72
C TYR A 127 9.74 7.27 -6.98
N GLU A 128 9.88 7.71 -5.73
CA GLU A 128 11.01 7.30 -4.87
C GLU A 128 10.57 6.42 -3.69
N LYS A 129 9.30 6.54 -3.30
CA LYS A 129 8.70 5.65 -2.30
C LYS A 129 7.31 5.20 -2.73
N LEU A 130 6.88 4.04 -2.25
CA LEU A 130 5.60 3.45 -2.63
C LEU A 130 4.44 4.40 -2.30
N THR A 131 4.57 5.12 -1.18
CA THR A 131 3.55 6.07 -0.79
C THR A 131 3.21 7.14 -1.85
N GLU A 132 4.17 7.46 -2.73
CA GLU A 132 3.99 8.47 -3.79
C GLU A 132 3.19 7.92 -4.94
N PHE A 133 3.40 6.65 -5.24
CA PHE A 133 2.63 5.93 -6.22
C PHE A 133 1.18 5.78 -5.75
N VAL A 134 1.02 5.32 -4.51
CA VAL A 134 -0.32 5.21 -3.89
C VAL A 134 -1.05 6.55 -3.88
N ALA A 135 -0.32 7.63 -3.60
CA ALA A 135 -0.91 8.97 -3.55
C ALA A 135 -1.49 9.36 -4.92
N ASP A 136 -0.72 9.12 -5.98
CA ASP A 136 -1.22 9.36 -7.35
C ASP A 136 -2.42 8.49 -7.71
N MET A 137 -2.38 7.20 -7.36
CA MET A 137 -3.54 6.31 -7.60
C MET A 137 -4.77 6.82 -6.86
N THR A 138 -4.57 7.24 -5.61
CA THR A 138 -5.67 7.70 -4.76
C THR A 138 -6.30 8.98 -5.30
N LYS A 139 -5.47 9.86 -5.86
CA LYS A 139 -5.94 11.02 -6.57
C LYS A 139 -6.93 10.64 -7.69
N ILE A 140 -6.58 9.63 -8.49
CA ILE A 140 -7.48 9.20 -9.57
C ILE A 140 -8.87 8.91 -9.03
N PHE A 141 -8.94 8.17 -7.93
CA PHE A 141 -10.21 7.75 -7.37
C PHE A 141 -10.93 8.88 -6.65
N ASP A 142 -10.19 9.68 -5.87
CA ASP A 142 -10.78 10.82 -5.15
C ASP A 142 -11.36 11.88 -6.12
N ASN A 143 -10.65 12.15 -7.20
CA ASN A 143 -11.13 13.08 -8.23
C ASN A 143 -12.45 12.59 -8.80
N CYS A 144 -12.48 11.30 -9.13
CA CYS A 144 -13.66 10.73 -9.76
C CYS A 144 -14.87 10.82 -8.84
N ARG A 145 -14.66 10.52 -7.57
CA ARG A 145 -15.74 10.53 -6.61
C ARG A 145 -16.16 11.97 -6.32
N TYR A 146 -15.23 12.91 -6.50
CA TYR A 146 -15.54 14.32 -6.32
C TYR A 146 -16.37 14.89 -7.48
N TYR A 147 -15.97 14.58 -8.71
CA TYR A 147 -16.59 15.14 -9.90
C TYR A 147 -17.95 14.49 -10.21
N ASN A 148 -18.04 13.19 -9.99
CA ASN A 148 -19.15 12.40 -10.48
C ASN A 148 -20.12 12.11 -9.32
N PRO A 149 -21.44 12.11 -9.62
CA PRO A 149 -22.45 11.72 -8.62
C PRO A 149 -22.27 10.27 -8.15
N SER A 150 -22.65 10.00 -6.90
CA SER A 150 -22.50 8.69 -6.28
C SER A 150 -23.27 7.57 -6.99
N ASP A 151 -24.36 7.91 -7.67
CA ASP A 151 -25.12 6.91 -8.41
C ASP A 151 -24.66 6.71 -9.85
N SER A 152 -23.59 7.42 -10.23
CA SER A 152 -23.03 7.31 -11.57
C SER A 152 -22.10 6.12 -11.65
N PRO A 153 -22.07 5.44 -12.83
CA PRO A 153 -21.16 4.31 -13.00
C PRO A 153 -19.69 4.71 -12.93
N PHE A 154 -19.38 5.96 -13.26
CA PHE A 154 -18.03 6.49 -13.06
C PHE A 154 -17.57 6.38 -11.61
N TYR A 155 -18.43 6.83 -10.70
CA TYR A 155 -18.16 6.81 -9.26
C TYR A 155 -18.00 5.34 -8.82
N GLN A 156 -18.92 4.48 -9.25
CA GLN A 156 -18.86 3.06 -8.89
C GLN A 156 -17.58 2.41 -9.41
N CYS A 157 -17.16 2.76 -10.63
CA CYS A 157 -15.87 2.31 -11.19
C CYS A 157 -14.67 2.67 -10.31
N ALA A 158 -14.67 3.88 -9.76
CA ALA A 158 -13.64 4.30 -8.80
C ALA A 158 -13.70 3.44 -7.53
N GLU A 159 -14.91 3.26 -6.98
CA GLU A 159 -15.09 2.43 -5.79
C GLU A 159 -14.53 1.02 -5.96
N VAL A 160 -14.85 0.39 -7.09
CA VAL A 160 -14.43 -0.98 -7.40
C VAL A 160 -12.91 -1.07 -7.63
N LEU A 161 -12.39 -0.15 -8.45
CA LEU A 161 -10.98 -0.17 -8.81
C LEU A 161 -10.07 0.11 -7.61
N GLU A 162 -10.50 0.99 -6.69
CA GLU A 162 -9.70 1.27 -5.50
C GLU A 162 -9.63 0.03 -4.61
N SER A 163 -10.78 -0.63 -4.43
CA SER A 163 -10.86 -1.88 -3.67
C SER A 163 -9.92 -2.95 -4.26
N PHE A 164 -9.89 -3.04 -5.59
CA PHE A 164 -9.02 -3.97 -6.33
C PHE A 164 -7.55 -3.64 -6.07
N PHE A 165 -7.21 -2.38 -6.24
CA PHE A 165 -5.86 -1.89 -6.08
C PHE A 165 -5.31 -2.18 -4.70
N VAL A 166 -6.12 -1.89 -3.67
CA VAL A 166 -5.72 -2.12 -2.28
C VAL A 166 -5.37 -3.60 -2.05
N GLN A 167 -6.13 -4.49 -2.66
CA GLN A 167 -5.82 -5.91 -2.63
C GLN A 167 -4.52 -6.25 -3.34
N LYS A 168 -4.32 -5.67 -4.52
CA LYS A 168 -3.17 -6.04 -5.35
C LYS A 168 -1.85 -5.57 -4.74
N LEU A 169 -1.93 -4.56 -3.87
CA LEU A 169 -0.78 -3.99 -3.18
C LEU A 169 -0.30 -4.78 -1.96
N LYS A 170 -1.09 -5.77 -1.52
CA LYS A 170 -0.68 -6.60 -0.39
C LYS A 170 0.50 -7.48 -0.81
N GLY A 171 1.49 -7.61 0.07
CA GLY A 171 2.72 -8.36 -0.24
C GLY A 171 3.42 -7.88 -1.51
N PHE A 172 3.45 -6.55 -1.69
CA PHE A 172 4.16 -5.93 -2.81
C PHE A 172 5.68 -5.89 -2.59
N LYS A 173 6.08 -5.46 -1.40
CA LYS A 173 7.47 -5.14 -1.07
C LYS A 173 8.08 -6.28 -0.31
N ALA A 174 9.35 -6.55 -0.60
CA ALA A 174 10.09 -7.63 0.04
C ALA A 174 10.21 -7.43 1.56
N GLY B 1 -21.60 14.65 -6.99
CA GLY B 1 -20.83 15.18 -8.14
C GLY B 1 -20.86 16.69 -8.27
N LYS B 2 -19.73 17.32 -7.96
CA LYS B 2 -19.56 18.77 -8.14
C LYS B 2 -19.56 19.21 -9.62
N GLY B 3 -19.34 18.26 -10.54
CA GLY B 3 -19.26 18.57 -11.97
C GLY B 3 -20.58 18.64 -12.71
N LEU B 4 -20.54 19.18 -13.93
CA LEU B 4 -21.75 19.27 -14.77
C LEU B 4 -22.11 17.90 -15.34
N GLY B 5 -21.11 17.05 -15.46
CA GLY B 5 -21.30 15.67 -15.90
C GLY B 5 -20.51 15.32 -17.15
#